data_5WY0
#
_entry.id   5WY0
#
_cell.length_a   38.521
_cell.length_b   38.521
_cell.length_c   249.437
_cell.angle_alpha   90.00
_cell.angle_beta   90.00
_cell.angle_gamma   120.00
#
_symmetry.space_group_name_H-M   'P 31 2 1'
#
loop_
_entity.id
_entity.type
_entity.pdbx_description
1 polymer "Small RNA 2'-O-methyltransferase"
2 non-polymer S-ADENOSYLMETHIONINE
3 water water
#
_entity_poly.entity_id   1
_entity_poly.type   'polypeptide(L)'
_entity_poly.pdbx_seq_one_letter_code
;GSLYRQRYQFVKNLVDQHEPKKVADLGCGDTSLLRLLKVNPCIELLVGVDINEDKLRWRGDSLAPFLGDFLKPRDLNLTI
TLYHGSVVERDSRLLGFDLITCIELIEHLDSGDLARFPEVVFGYLSPSMIVISTPNSEFNPLFPSVTLRDSDHKFEWTRM
EFQTWALYVANRYDYSVEFTGVGEPPAGAENVGYCTQIGIFRKNGGKATESCLSEQHDQHVYKAVFTTSY
;
_entity_poly.pdbx_strand_id   A
#
# COMPACT_ATOMS: atom_id res chain seq x y z
N SER A 2 17.10 4.57 3.57
CA SER A 2 17.77 3.52 2.80
C SER A 2 16.75 2.65 2.06
N LEU A 3 16.26 1.61 2.71
CA LEU A 3 15.24 0.78 2.08
C LEU A 3 13.88 1.52 1.98
N TYR A 4 13.54 2.33 2.98
CA TYR A 4 12.26 3.06 2.91
C TYR A 4 12.31 4.03 1.74
N ARG A 5 13.46 4.65 1.54
CA ARG A 5 13.70 5.47 0.35
C ARG A 5 13.41 4.70 -0.94
N GLN A 6 13.94 3.48 -1.02
CA GLN A 6 13.71 2.65 -2.20
C GLN A 6 12.24 2.31 -2.40
N ARG A 7 11.53 2.01 -1.32
CA ARG A 7 10.10 1.70 -1.42
C ARG A 7 9.31 2.89 -1.98
N TYR A 8 9.61 4.07 -1.42
CA TYR A 8 8.93 5.28 -1.86
C TYR A 8 9.23 5.58 -3.32
N GLN A 9 10.48 5.39 -3.71
CA GLN A 9 10.87 5.64 -5.10
C GLN A 9 10.22 4.62 -6.06
N PHE A 10 10.04 3.40 -5.59
CA PHE A 10 9.31 2.40 -6.37
C PHE A 10 7.91 2.93 -6.68
N VAL A 11 7.26 3.45 -5.64
CA VAL A 11 5.89 3.95 -5.82
C VAL A 11 5.88 5.18 -6.72
N LYS A 12 6.84 6.08 -6.52
CA LYS A 12 6.94 7.26 -7.37
C LYS A 12 7.09 6.87 -8.83
N ASN A 13 7.93 5.88 -9.12
CA ASN A 13 8.15 5.41 -10.50
C ASN A 13 6.86 4.89 -11.09
N LEU A 14 6.15 4.09 -10.30
CA LEU A 14 4.85 3.58 -10.73
C LEU A 14 3.87 4.72 -11.07
N VAL A 15 3.84 5.75 -10.24
CA VAL A 15 2.93 6.86 -10.45
C VAL A 15 3.31 7.59 -11.74
N ASP A 16 4.60 7.86 -11.91
CA ASP A 16 5.07 8.48 -13.15
C ASP A 16 4.68 7.66 -14.37
N GLN A 17 4.71 6.35 -14.25
CA GLN A 17 4.41 5.48 -15.38
C GLN A 17 2.94 5.43 -15.72
N HIS A 18 2.08 5.37 -14.71
CA HIS A 18 0.66 5.16 -14.97
C HIS A 18 -0.19 6.41 -14.79
N GLU A 19 0.42 7.48 -14.28
CA GLU A 19 -0.28 8.76 -14.05
C GLU A 19 -1.68 8.64 -13.41
N PRO A 20 -1.78 8.01 -12.23
CA PRO A 20 -3.10 7.96 -11.59
C PRO A 20 -3.57 9.36 -11.17
N LYS A 21 -4.86 9.65 -11.35
CA LYS A 21 -5.41 10.94 -10.94
C LYS A 21 -5.75 10.95 -9.46
N LYS A 22 -6.32 9.85 -8.96
CA LYS A 22 -6.71 9.74 -7.56
C LYS A 22 -5.87 8.67 -6.86
N VAL A 23 -5.09 9.08 -5.88
CA VAL A 23 -4.11 8.22 -5.19
C VAL A 23 -4.35 8.22 -3.68
N ALA A 24 -4.46 7.05 -3.08
CA ALA A 24 -4.54 6.97 -1.62
C ALA A 24 -3.48 6.04 -1.03
N ASP A 25 -2.89 6.48 0.07
CA ASP A 25 -1.91 5.72 0.85
C ASP A 25 -2.54 5.31 2.18
N LEU A 26 -2.73 4.00 2.36
CA LEU A 26 -3.34 3.46 3.55
C LEU A 26 -2.26 3.03 4.53
N GLY A 27 -2.35 3.48 5.77
CA GLY A 27 -1.25 3.38 6.71
C GLY A 27 -0.13 4.35 6.32
N CYS A 28 -0.51 5.60 6.02
CA CYS A 28 0.41 6.57 5.45
C CYS A 28 1.49 7.05 6.41
N GLY A 29 1.34 6.77 7.70
CA GLY A 29 2.31 7.18 8.70
C GLY A 29 2.56 8.68 8.72
N ASP A 30 3.84 9.08 8.69
CA ASP A 30 4.21 10.49 8.78
C ASP A 30 3.98 11.27 7.48
N THR A 31 3.33 10.63 6.50
CA THR A 31 2.94 11.22 5.20
C THR A 31 4.11 11.48 4.23
N SER A 32 5.28 10.90 4.52
CA SER A 32 6.45 11.01 3.65
C SER A 32 6.17 10.66 2.18
N LEU A 33 5.52 9.53 1.97
CA LEU A 33 5.21 9.09 0.62
C LEU A 33 4.31 10.09 -0.10
N LEU A 34 3.29 10.60 0.60
CA LEU A 34 2.39 11.60 0.03
C LEU A 34 3.14 12.87 -0.40
N ARG A 35 4.02 13.31 0.49
CA ARG A 35 4.91 14.44 0.25
C ARG A 35 5.69 14.24 -1.05
N LEU A 36 6.20 13.02 -1.25
CA LEU A 36 6.93 12.72 -2.47
C LEU A 36 6.03 12.71 -3.72
N LEU A 37 4.86 12.09 -3.60
CA LEU A 37 3.98 11.91 -4.75
C LEU A 37 3.34 13.20 -5.23
N LYS A 38 3.14 14.15 -4.31
CA LYS A 38 2.46 15.39 -4.69
C LYS A 38 3.25 16.18 -5.74
N VAL A 39 4.53 15.83 -5.87
CA VAL A 39 5.41 16.37 -6.91
C VAL A 39 4.81 16.24 -8.30
N ASN A 40 4.24 15.07 -8.59
CA ASN A 40 3.71 14.78 -9.92
C ASN A 40 2.36 15.45 -10.21
N PRO A 41 2.29 16.23 -11.31
CA PRO A 41 1.10 17.01 -11.66
C PRO A 41 -0.06 16.19 -12.22
N CYS A 42 0.09 14.88 -12.38
CA CYS A 42 -1.03 14.06 -12.86
C CYS A 42 -2.07 13.89 -11.74
N ILE A 43 -1.59 13.93 -10.50
CA ILE A 43 -2.47 13.69 -9.35
C ILE A 43 -3.38 14.87 -9.04
N GLU A 44 -4.68 14.60 -8.96
CA GLU A 44 -5.67 15.63 -8.63
C GLU A 44 -6.24 15.44 -7.22
N LEU A 45 -6.14 14.22 -6.70
CA LEU A 45 -6.63 13.90 -5.37
C LEU A 45 -5.67 12.94 -4.67
N LEU A 46 -5.17 13.36 -3.51
CA LEU A 46 -4.13 12.66 -2.80
C LEU A 46 -4.55 12.49 -1.36
N VAL A 47 -4.70 11.24 -0.93
CA VAL A 47 -5.32 10.96 0.36
C VAL A 47 -4.44 10.05 1.19
N GLY A 48 -4.34 10.33 2.48
CA GLY A 48 -3.63 9.44 3.38
C GLY A 48 -4.58 9.00 4.48
N VAL A 49 -4.49 7.74 4.88
CA VAL A 49 -5.30 7.23 5.98
C VAL A 49 -4.40 6.57 7.01
N ASP A 50 -4.61 6.87 8.30
CA ASP A 50 -3.85 6.15 9.33
C ASP A 50 -4.64 6.10 10.64
N ILE A 51 -4.50 5.01 11.39
CA ILE A 51 -5.21 4.89 12.67
C ILE A 51 -4.53 5.67 13.78
N ASN A 52 -3.31 6.11 13.51
CA ASN A 52 -2.55 6.83 14.51
C ASN A 52 -2.66 8.32 14.27
N GLU A 53 -3.59 8.94 14.99
CA GLU A 53 -3.91 10.35 14.80
C GLU A 53 -2.69 11.25 15.02
N ASP A 54 -1.84 10.88 15.97
CA ASP A 54 -0.66 11.67 16.32
C ASP A 54 0.37 11.76 15.19
N LYS A 55 0.47 10.71 14.38
CA LYS A 55 1.39 10.72 13.24
C LYS A 55 0.91 11.69 12.14
N LEU A 56 -0.40 11.92 12.11
CA LEU A 56 -1.01 12.74 11.06
C LEU A 56 -1.04 14.23 11.39
N ARG A 57 -0.91 14.58 12.67
CA ARG A 57 -1.00 15.97 13.11
C ARG A 57 0.18 16.80 12.62
N ASN A 77 -7.34 22.07 -8.23
CA ASN A 77 -6.65 21.16 -9.15
C ASN A 77 -5.92 20.04 -8.44
N LEU A 78 -5.44 20.34 -7.23
CA LEU A 78 -4.98 19.31 -6.33
C LEU A 78 -5.69 19.46 -5.00
N THR A 79 -6.17 18.33 -4.48
CA THR A 79 -6.73 18.25 -3.16
C THR A 79 -5.95 17.21 -2.37
N ILE A 80 -5.53 17.58 -1.18
CA ILE A 80 -4.80 16.68 -0.30
C ILE A 80 -5.59 16.54 0.99
N THR A 81 -5.90 15.30 1.37
CA THR A 81 -6.67 15.04 2.58
C THR A 81 -6.08 13.91 3.43
N LEU A 82 -5.97 14.16 4.73
CA LEU A 82 -5.54 13.17 5.70
C LEU A 82 -6.71 12.79 6.58
N TYR A 83 -6.99 11.48 6.62
CA TYR A 83 -8.03 10.87 7.45
C TYR A 83 -7.46 10.00 8.56
N HIS A 84 -7.98 10.23 9.77
CA HIS A 84 -7.80 9.29 10.86
C HIS A 84 -8.83 8.18 10.71
N GLY A 85 -8.38 6.94 10.51
CA GLY A 85 -9.30 5.86 10.26
C GLY A 85 -8.58 4.54 10.05
N SER A 86 -9.36 3.47 9.94
CA SER A 86 -8.81 2.13 9.81
C SER A 86 -9.00 1.54 8.42
N VAL A 87 -7.99 0.80 7.94
CA VAL A 87 -8.10 0.19 6.63
C VAL A 87 -9.17 -0.88 6.56
N VAL A 88 -9.67 -1.34 7.72
CA VAL A 88 -10.71 -2.37 7.72
C VAL A 88 -12.13 -1.80 7.90
N GLU A 89 -12.29 -0.48 7.79
CA GLU A 89 -13.64 0.05 7.71
C GLU A 89 -13.86 0.71 6.37
N ARG A 90 -15.08 0.60 5.87
CA ARG A 90 -15.42 1.10 4.54
C ARG A 90 -15.81 2.56 4.62
N ASP A 91 -15.03 3.41 3.98
CA ASP A 91 -15.41 4.81 3.84
C ASP A 91 -15.63 5.12 2.37
N SER A 92 -16.83 5.60 2.03
CA SER A 92 -17.21 5.78 0.64
C SER A 92 -16.40 6.87 -0.07
N ARG A 93 -15.68 7.70 0.69
CA ARG A 93 -14.91 8.77 0.06
C ARG A 93 -13.63 8.22 -0.60
N LEU A 94 -13.40 6.92 -0.45
CA LEU A 94 -12.22 6.30 -1.08
C LEU A 94 -12.59 5.42 -2.26
N LEU A 95 -13.86 5.47 -2.64
CA LEU A 95 -14.34 4.81 -3.84
C LEU A 95 -13.83 5.51 -5.10
N GLY A 96 -13.62 4.72 -6.15
CA GLY A 96 -13.31 5.23 -7.47
C GLY A 96 -11.88 5.68 -7.68
N PHE A 97 -10.95 5.17 -6.88
CA PHE A 97 -9.56 5.63 -7.01
C PHE A 97 -8.79 4.85 -8.09
N ASP A 98 -7.70 5.45 -8.53
CA ASP A 98 -6.87 4.89 -9.58
C ASP A 98 -5.75 4.06 -8.95
N LEU A 99 -5.23 4.52 -7.82
CA LEU A 99 -4.13 3.82 -7.16
C LEU A 99 -4.27 3.85 -5.65
N ILE A 100 -4.20 2.68 -5.01
CA ILE A 100 -4.14 2.64 -3.56
C ILE A 100 -2.90 1.87 -3.14
N THR A 101 -2.11 2.44 -2.23
CA THR A 101 -0.87 1.82 -1.78
C THR A 101 -0.97 1.45 -0.31
N CYS A 102 -0.46 0.27 0.01
CA CYS A 102 -0.34 -0.18 1.39
C CYS A 102 1.11 -0.63 1.60
N ILE A 103 1.93 0.32 2.02
CA ILE A 103 3.35 0.11 2.14
C ILE A 103 3.73 -0.26 3.56
N GLU A 104 4.21 -1.49 3.74
CA GLU A 104 4.59 -2.00 5.06
C GLU A 104 3.44 -1.89 6.08
N LEU A 105 2.24 -2.22 5.64
CA LEU A 105 1.08 -2.16 6.53
C LEU A 105 0.63 -3.55 6.99
N ILE A 106 0.45 -4.47 6.05
CA ILE A 106 -0.29 -5.70 6.39
C ILE A 106 0.34 -6.48 7.54
N GLU A 107 1.65 -6.36 7.73
CA GLU A 107 2.33 -7.14 8.78
C GLU A 107 2.09 -6.54 10.16
N HIS A 108 1.32 -5.45 10.23
CA HIS A 108 0.90 -4.86 11.50
C HIS A 108 -0.59 -5.10 11.80
N LEU A 109 -1.25 -5.90 10.97
CA LEU A 109 -2.64 -6.22 11.24
C LEU A 109 -2.73 -7.54 12.00
N ASP A 110 -3.66 -7.62 12.95
CA ASP A 110 -3.89 -8.90 13.63
C ASP A 110 -4.71 -9.80 12.69
N SER A 111 -4.91 -11.06 13.09
CA SER A 111 -5.56 -12.02 12.20
C SER A 111 -6.94 -11.58 11.75
N GLY A 112 -7.70 -10.96 12.64
CA GLY A 112 -9.04 -10.49 12.31
C GLY A 112 -9.03 -9.42 11.24
N ASP A 113 -8.23 -8.39 11.50
CA ASP A 113 -8.08 -7.27 10.57
C ASP A 113 -7.48 -7.73 9.23
N LEU A 114 -6.47 -8.59 9.30
CA LEU A 114 -5.88 -9.14 8.09
C LEU A 114 -6.96 -9.84 7.28
N ALA A 115 -7.82 -10.59 7.96
CA ALA A 115 -8.90 -11.29 7.26
C ALA A 115 -9.90 -10.32 6.62
N ARG A 116 -10.16 -9.19 7.27
CA ARG A 116 -11.09 -8.22 6.71
C ARG A 116 -10.49 -7.32 5.62
N PHE A 117 -9.16 -7.22 5.60
CA PHE A 117 -8.47 -6.23 4.78
C PHE A 117 -8.82 -6.36 3.27
N PRO A 118 -8.73 -7.59 2.69
CA PRO A 118 -9.04 -7.64 1.25
C PRO A 118 -10.50 -7.32 0.89
N GLU A 119 -11.46 -7.64 1.75
CA GLU A 119 -12.85 -7.39 1.40
C GLU A 119 -13.12 -5.88 1.35
N VAL A 120 -12.42 -5.12 2.18
CA VAL A 120 -12.53 -3.67 2.16
C VAL A 120 -11.76 -3.05 0.99
N VAL A 121 -10.46 -3.36 0.90
CA VAL A 121 -9.61 -2.67 -0.09
C VAL A 121 -9.89 -3.18 -1.51
N PHE A 122 -9.94 -4.50 -1.70
CA PHE A 122 -10.22 -5.05 -3.02
C PHE A 122 -11.73 -5.11 -3.32
N GLY A 123 -12.51 -5.57 -2.36
CA GLY A 123 -13.93 -5.77 -2.60
C GLY A 123 -14.71 -4.47 -2.67
N TYR A 124 -14.62 -3.68 -1.61
CA TYR A 124 -15.42 -2.46 -1.50
C TYR A 124 -14.84 -1.30 -2.32
N LEU A 125 -13.61 -0.92 -2.02
CA LEU A 125 -12.94 0.20 -2.66
C LEU A 125 -12.67 -0.05 -4.14
N SER A 126 -12.19 -1.25 -4.47
CA SER A 126 -12.06 -1.68 -5.85
C SER A 126 -11.30 -0.71 -6.77
N PRO A 127 -10.12 -0.23 -6.34
CA PRO A 127 -9.41 0.72 -7.21
C PRO A 127 -8.80 0.06 -8.46
N SER A 128 -8.34 0.85 -9.42
CA SER A 128 -7.76 0.30 -10.64
C SER A 128 -6.46 -0.46 -10.36
N MET A 129 -5.66 0.08 -9.46
CA MET A 129 -4.40 -0.53 -9.07
C MET A 129 -4.19 -0.47 -7.56
N ILE A 130 -3.66 -1.55 -7.00
CA ILE A 130 -3.27 -1.62 -5.60
C ILE A 130 -1.81 -2.07 -5.48
N VAL A 131 -1.03 -1.40 -4.63
CA VAL A 131 0.33 -1.87 -4.38
C VAL A 131 0.48 -2.27 -2.93
N ILE A 132 0.93 -3.49 -2.70
CA ILE A 132 1.13 -3.96 -1.35
C ILE A 132 2.58 -4.39 -1.13
N SER A 133 3.24 -3.87 -0.09
CA SER A 133 4.61 -4.27 0.22
C SER A 133 4.70 -4.85 1.62
N THR A 134 5.61 -5.80 1.81
CA THR A 134 5.80 -6.40 3.12
C THR A 134 7.20 -7.04 3.16
N PRO A 135 7.80 -7.18 4.35
CA PRO A 135 9.10 -7.84 4.43
C PRO A 135 9.08 -9.25 3.84
N ASN A 136 10.18 -9.61 3.19
CA ASN A 136 10.46 -11.00 2.81
C ASN A 136 11.26 -11.63 3.96
N SER A 137 10.62 -12.51 4.73
CA SER A 137 11.23 -13.07 5.91
C SER A 137 12.38 -14.00 5.55
N GLU A 138 12.43 -14.43 4.29
CA GLU A 138 13.49 -15.33 3.82
C GLU A 138 14.70 -14.59 3.31
N PHE A 139 14.66 -13.26 3.33
CA PHE A 139 15.69 -12.48 2.65
C PHE A 139 17.08 -12.90 3.11
N ASN A 140 17.98 -13.09 2.15
CA ASN A 140 19.36 -13.52 2.41
C ASN A 140 20.32 -12.45 1.89
N PRO A 141 21.27 -12.01 2.73
CA PRO A 141 21.43 -12.39 4.12
C PRO A 141 20.60 -11.49 5.04
N LEU A 142 20.20 -12.06 6.17
CA LEU A 142 19.49 -11.33 7.21
C LEU A 142 20.47 -10.32 7.77
N PHE A 143 20.08 -9.05 7.73
CA PHE A 143 21.01 -8.02 8.24
C PHE A 143 20.88 -7.90 9.76
N PRO A 144 21.99 -8.16 10.49
CA PRO A 144 22.01 -7.93 11.93
C PRO A 144 21.92 -6.43 12.22
N SER A 145 21.17 -6.01 13.22
CA SER A 145 20.98 -4.58 13.46
C SER A 145 21.12 -4.20 14.93
N ARG A 149 14.03 -5.07 15.50
CA ARG A 149 13.75 -6.36 16.12
C ARG A 149 12.46 -7.01 15.57
N ASP A 150 12.39 -8.34 15.66
CA ASP A 150 11.23 -9.11 15.20
C ASP A 150 9.93 -8.74 15.93
N SER A 151 10.08 -8.21 17.14
CA SER A 151 8.96 -7.85 18.00
C SER A 151 8.25 -6.57 17.56
N ASP A 152 8.76 -5.92 16.52
CA ASP A 152 8.17 -4.69 15.98
C ASP A 152 6.81 -4.89 15.31
N HIS A 153 6.61 -6.07 14.72
CA HIS A 153 5.39 -6.35 13.94
C HIS A 153 4.68 -7.61 14.44
N LYS A 154 3.52 -7.91 13.84
CA LYS A 154 2.70 -9.06 14.27
C LYS A 154 3.17 -10.37 13.65
N PHE A 155 3.43 -10.36 12.36
CA PHE A 155 3.86 -11.55 11.67
C PHE A 155 4.85 -11.16 10.56
N GLU A 156 5.48 -12.17 9.99
CA GLU A 156 6.34 -11.98 8.84
C GLU A 156 6.10 -13.14 7.88
N TRP A 157 6.10 -12.84 6.59
CA TRP A 157 5.78 -13.85 5.60
C TRP A 157 6.97 -14.19 4.71
N THR A 158 7.07 -15.46 4.38
CA THR A 158 7.97 -15.91 3.34
C THR A 158 7.43 -15.48 1.98
N ARG A 159 8.19 -15.76 0.93
CA ARG A 159 7.77 -15.45 -0.42
C ARG A 159 6.55 -16.29 -0.77
N MET A 160 6.60 -17.56 -0.41
CA MET A 160 5.48 -18.46 -0.70
C MET A 160 4.22 -18.01 0.04
N GLU A 161 4.34 -17.62 1.30
CA GLU A 161 3.17 -17.18 2.06
C GLU A 161 2.55 -15.93 1.42
N PHE A 162 3.39 -14.98 1.04
CA PHE A 162 2.88 -13.75 0.45
C PHE A 162 2.25 -14.05 -0.89
N GLN A 163 2.89 -14.88 -1.69
CA GLN A 163 2.41 -15.09 -3.04
C GLN A 163 1.15 -15.93 -3.04
N THR A 164 1.05 -16.92 -2.14
CA THR A 164 -0.20 -17.71 -2.10
C THR A 164 -1.36 -16.79 -1.65
N TRP A 165 -1.11 -15.96 -0.64
CA TRP A 165 -2.12 -14.99 -0.20
C TRP A 165 -2.54 -14.02 -1.33
N ALA A 166 -1.54 -13.44 -2.00
CA ALA A 166 -1.77 -12.46 -3.06
C ALA A 166 -2.47 -13.05 -4.26
N LEU A 167 -2.12 -14.28 -4.65
CA LEU A 167 -2.79 -14.97 -5.75
C LEU A 167 -4.25 -15.29 -5.39
N TYR A 168 -4.46 -15.75 -4.18
CA TYR A 168 -5.83 -15.97 -3.66
C TYR A 168 -6.69 -14.69 -3.78
N VAL A 169 -6.16 -13.59 -3.26
CA VAL A 169 -6.86 -12.29 -3.32
C VAL A 169 -7.10 -11.85 -4.78
N ALA A 170 -6.07 -12.01 -5.62
CA ALA A 170 -6.17 -11.63 -7.02
C ALA A 170 -7.32 -12.37 -7.71
N ASN A 171 -7.33 -13.69 -7.56
CA ASN A 171 -8.33 -14.51 -8.21
C ASN A 171 -9.74 -14.24 -7.67
N ARG A 172 -9.82 -13.98 -6.37
CA ARG A 172 -11.11 -13.72 -5.75
C ARG A 172 -11.73 -12.41 -6.23
N TYR A 173 -10.93 -11.36 -6.38
CA TYR A 173 -11.50 -10.06 -6.73
C TYR A 173 -11.25 -9.63 -8.19
N ASP A 174 -10.75 -10.54 -9.01
CA ASP A 174 -10.55 -10.30 -10.45
C ASP A 174 -9.50 -9.21 -10.70
N TYR A 175 -8.39 -9.32 -9.98
CA TYR A 175 -7.16 -8.57 -10.27
C TYR A 175 -6.08 -9.55 -10.80
N SER A 176 -5.08 -9.01 -11.48
CA SER A 176 -3.87 -9.76 -11.82
C SER A 176 -2.72 -9.22 -10.99
N VAL A 177 -1.89 -10.10 -10.43
CA VAL A 177 -0.85 -9.62 -9.56
C VAL A 177 0.55 -9.92 -10.13
N GLU A 178 1.38 -8.89 -10.12
CA GLU A 178 2.77 -8.96 -10.52
C GLU A 178 3.68 -8.83 -9.30
N PHE A 179 4.57 -9.79 -9.12
CA PHE A 179 5.45 -9.78 -7.97
C PHE A 179 6.80 -9.19 -8.32
N THR A 180 7.26 -8.26 -7.48
CA THR A 180 8.60 -7.69 -7.56
C THR A 180 9.04 -7.35 -6.15
N GLY A 181 9.82 -6.28 -6.00
CA GLY A 181 10.26 -5.85 -4.69
C GLY A 181 11.39 -4.86 -4.77
N VAL A 182 11.94 -4.51 -3.61
CA VAL A 182 13.11 -3.64 -3.59
C VAL A 182 14.08 -4.15 -2.54
N GLY A 183 15.36 -3.87 -2.77
CA GLY A 183 16.40 -4.26 -1.84
C GLY A 183 16.96 -5.59 -2.29
N GLU A 184 17.88 -5.54 -3.25
CA GLU A 184 18.50 -6.74 -3.83
C GLU A 184 19.50 -7.37 -2.87
N PRO A 185 19.66 -8.71 -2.94
CA PRO A 185 20.73 -9.32 -2.15
C PRO A 185 22.08 -8.74 -2.55
N PRO A 186 22.98 -8.52 -1.58
CA PRO A 186 24.34 -8.08 -1.90
C PRO A 186 25.11 -9.13 -2.70
N ALA A 187 26.07 -8.67 -3.50
CA ALA A 187 26.73 -9.46 -4.54
C ALA A 187 27.22 -10.91 -4.23
N GLY A 188 27.62 -11.24 -3.01
CA GLY A 188 28.04 -12.66 -2.77
C GLY A 188 26.97 -13.59 -2.27
N ALA A 189 25.80 -13.03 -1.99
CA ALA A 189 24.77 -13.78 -1.28
C ALA A 189 23.93 -14.59 -2.27
N GLU A 190 23.54 -15.79 -1.87
CA GLU A 190 22.57 -16.56 -2.63
C GLU A 190 21.28 -15.75 -2.68
N ASN A 191 20.73 -15.62 -3.88
CA ASN A 191 19.51 -14.85 -4.10
C ASN A 191 18.29 -15.58 -3.52
N VAL A 192 17.73 -15.06 -2.44
CA VAL A 192 16.49 -15.61 -1.91
C VAL A 192 15.41 -14.52 -1.86
N GLY A 193 15.37 -13.71 -2.92
CA GLY A 193 14.35 -12.69 -3.09
C GLY A 193 14.80 -11.30 -2.69
N TYR A 194 13.93 -10.33 -2.92
CA TYR A 194 14.15 -8.96 -2.44
C TYR A 194 13.94 -8.86 -0.93
N CYS A 195 14.52 -7.83 -0.33
CA CYS A 195 14.32 -7.57 1.09
C CYS A 195 12.86 -7.20 1.37
N THR A 196 12.30 -6.36 0.50
CA THR A 196 10.88 -6.01 0.54
C THR A 196 10.19 -6.63 -0.64
N GLN A 197 9.17 -7.45 -0.40
CA GLN A 197 8.45 -8.05 -1.52
C GLN A 197 7.22 -7.23 -1.79
N ILE A 198 6.88 -7.14 -3.08
CA ILE A 198 5.83 -6.23 -3.51
C ILE A 198 4.91 -6.94 -4.47
N GLY A 199 3.62 -6.73 -4.29
CA GLY A 199 2.64 -7.18 -5.26
C GLY A 199 1.98 -5.96 -5.88
N ILE A 200 1.98 -5.91 -7.21
CA ILE A 200 1.23 -4.90 -7.94
C ILE A 200 -0.01 -5.56 -8.51
N PHE A 201 -1.18 -5.16 -8.01
CA PHE A 201 -2.45 -5.73 -8.44
C PHE A 201 -3.14 -4.77 -9.41
N ARG A 202 -3.48 -5.30 -10.58
CA ARG A 202 -4.16 -4.53 -11.61
C ARG A 202 -5.54 -5.09 -11.88
N LYS A 203 -6.56 -4.25 -11.82
CA LYS A 203 -7.93 -4.72 -12.05
C LYS A 203 -8.08 -5.23 -13.47
N ASN A 204 -8.56 -6.47 -13.62
CA ASN A 204 -8.75 -7.03 -14.96
C ASN A 204 -9.83 -6.26 -15.74
N GLY A 205 -9.52 -5.94 -16.99
CA GLY A 205 -10.37 -5.10 -17.81
C GLY A 205 -10.12 -3.61 -17.61
N GLY A 206 -9.32 -3.25 -16.60
CA GLY A 206 -9.04 -1.86 -16.30
C GLY A 206 -10.23 -1.15 -15.70
N LYS A 207 -10.28 0.18 -15.84
CA LYS A 207 -11.47 0.96 -15.50
C LYS A 207 -12.48 0.81 -16.66
N ALA A 208 -13.80 0.62 -16.42
CA ALA A 208 -14.54 0.67 -15.15
C ALA A 208 -14.42 2.00 -14.42
N HIS A 217 -24.73 5.03 -1.98
CA HIS A 217 -24.97 5.37 -0.58
C HIS A 217 -23.68 5.83 0.10
N ASP A 218 -23.78 6.87 0.92
CA ASP A 218 -22.62 7.46 1.57
C ASP A 218 -22.33 6.85 2.93
N GLN A 219 -21.13 6.29 3.07
CA GLN A 219 -20.65 5.76 4.33
C GLN A 219 -19.45 6.58 4.79
N HIS A 220 -19.68 7.61 5.60
CA HIS A 220 -18.58 8.41 6.11
C HIS A 220 -18.17 7.92 7.49
N VAL A 221 -16.98 7.35 7.58
CA VAL A 221 -16.52 6.72 8.80
C VAL A 221 -15.26 7.39 9.29
N TYR A 222 -14.37 7.71 8.35
CA TYR A 222 -13.10 8.34 8.70
C TYR A 222 -13.32 9.75 9.22
N LYS A 223 -12.40 10.23 10.06
CA LYS A 223 -12.41 11.62 10.43
C LYS A 223 -11.30 12.39 9.74
N ALA A 224 -11.67 13.35 8.92
CA ALA A 224 -10.68 14.20 8.26
C ALA A 224 -9.92 15.00 9.30
N VAL A 225 -8.60 14.89 9.23
CA VAL A 225 -7.70 15.53 10.17
C VAL A 225 -7.09 16.74 9.49
N PHE A 226 -6.92 16.62 8.18
CA PHE A 226 -6.35 17.75 7.44
C PHE A 226 -6.82 17.73 6.01
N THR A 227 -7.08 18.89 5.42
CA THR A 227 -7.37 18.93 4.01
C THR A 227 -6.96 20.28 3.43
N THR A 228 -6.59 20.28 2.16
CA THR A 228 -6.30 21.52 1.43
C THR A 228 -6.61 21.31 -0.06
N SER A 229 -7.01 22.39 -0.73
CA SER A 229 -7.33 22.34 -2.17
C SER A 229 -6.82 23.62 -2.84
N TYR A 230 -6.20 23.46 -4.02
CA TYR A 230 -5.79 24.61 -4.83
C TYR A 230 -5.55 24.25 -6.28
#